data_8A23
#
_entry.id   8A23
#
_cell.length_a   85.142
_cell.length_b   85.142
_cell.length_c   162.874
_cell.angle_alpha   90.000
_cell.angle_beta   90.000
_cell.angle_gamma   90.000
#
_symmetry.space_group_name_H-M   'P 41 21 2'
#
loop_
_entity.id
_entity.type
_entity.pdbx_description
1 polymer "2'-O-methyltransferase nsp16"
2 polymer 'Non-structural protein 10'
3 non-polymer (2R,3R,4S,5R)-2-[4-azanyl-5-(2-quinolin-3-ylethynyl)pyrrolo[2,3-d]pyrimidin-7-yl]-5-(hydroxymethyl)oxolane-3,4-diol
4 non-polymer GLYCEROL
5 non-polymer 'ZINC ION'
#
loop_
_entity_poly.entity_id
_entity_poly.type
_entity_poly.pdbx_seq_one_letter_code
_entity_poly.pdbx_strand_id
1 'polypeptide(L)'
;MSSQAWQPGVAMPNLYKMQRMLLEKCDLQNYGDSATLPKGIMMNVAKYTQLCQYLNTLTLAVPYNMRVIHFGAGSDKGVA
PGTAVLRQWLPTGTLLVDSDLNDFVSDADSTLIGDCATVHTANKWDLIISDMYDPKTKNVTKENDSKEGFFTYICGFIQQ
KLALGGSVAIKITEHSWNADLYKLMGHFAWWTAFVTNVNASSSEAFLIGCNYLGKPREQIDGYVMHANYIFWRNTNPIQL
SSYSLFDMSKFPLKLRGTAVMSLKEGQINDMILSLLSKGRLIIRENNRVVISSDVLVNN
;
A
2 'polypeptide(L)'
;MNSTVLSFCAFAVDAAKAYKDYLASGGQPITNCVKMLCTHTGTGQAITVTPEANMDQESFGGASCCLYCRCHIDHPNPKG
FCDLKGKYVQIPTTCANDPVGFTLKNTVCTVCGMWKGYGCSCD
;
B
#
# COMPACT_ATOMS: atom_id res chain seq x y z
N SER A 2 26.75 -8.77 -3.84
CA SER A 2 25.48 -8.02 -4.05
C SER A 2 24.28 -8.86 -3.65
N SER A 3 24.33 -9.41 -2.43
CA SER A 3 23.21 -10.20 -1.93
C SER A 3 21.97 -9.34 -1.73
N GLN A 4 22.14 -8.09 -1.31
CA GLN A 4 21.01 -7.21 -1.06
C GLN A 4 20.29 -6.81 -2.34
N ALA A 5 20.88 -7.06 -3.51
CA ALA A 5 20.22 -6.73 -4.76
C ALA A 5 18.99 -7.61 -5.03
N TRP A 6 18.96 -8.80 -4.46
CA TRP A 6 17.82 -9.69 -4.59
C TRP A 6 16.74 -9.44 -3.56
N GLN A 7 17.03 -8.65 -2.52
CA GLN A 7 16.06 -8.34 -1.49
C GLN A 7 15.06 -7.29 -1.98
N PRO A 8 13.90 -7.20 -1.33
CA PRO A 8 12.97 -6.10 -1.66
C PRO A 8 13.56 -4.73 -1.36
N GLY A 9 14.44 -4.62 -0.37
CA GLY A 9 15.01 -3.32 -0.04
C GLY A 9 15.98 -3.46 1.12
N VAL A 10 16.37 -2.30 1.65
CA VAL A 10 17.37 -2.21 2.71
C VAL A 10 16.80 -1.44 3.88
N ALA A 11 17.00 -1.96 5.09
CA ALA A 11 16.52 -1.32 6.31
C ALA A 11 17.67 -0.64 7.05
N MET A 12 17.34 0.40 7.80
CA MET A 12 18.35 1.19 8.48
C MET A 12 19.02 0.36 9.58
N PRO A 13 20.33 0.17 9.55
CA PRO A 13 20.98 -0.62 10.60
C PRO A 13 20.83 0.04 11.97
N ASN A 14 20.76 -0.80 13.01
CA ASN A 14 20.68 -0.28 14.36
C ASN A 14 21.91 0.54 14.75
N LEU A 15 23.04 0.29 14.10
CA LEU A 15 24.25 1.05 14.41
C LEU A 15 24.06 2.53 14.10
N TYR A 16 23.46 2.83 12.95
CA TYR A 16 23.27 4.23 12.57
C TYR A 16 22.22 4.91 13.45
N LYS A 17 21.29 4.15 14.01
CA LYS A 17 20.30 4.74 14.89
C LYS A 17 20.94 5.26 16.18
N MET A 18 21.96 4.55 16.69
CA MET A 18 22.59 4.92 17.95
C MET A 18 23.42 6.19 17.85
N GLN A 19 23.70 6.68 16.64
CA GLN A 19 24.60 7.82 16.48
C GLN A 19 23.90 9.11 16.88
N ARG A 20 24.66 10.21 16.84
CA ARG A 20 24.16 11.56 17.11
C ARG A 20 24.79 12.47 16.07
N MET A 21 24.09 12.66 14.95
CA MET A 21 24.63 13.36 13.80
C MET A 21 23.89 14.68 13.59
N LEU A 22 24.62 15.66 13.06
CA LEU A 22 23.99 16.89 12.59
C LEU A 22 23.31 16.63 11.25
N LEU A 23 22.20 17.32 11.03
CA LEU A 23 21.50 17.20 9.76
C LEU A 23 22.34 17.80 8.64
N GLU A 24 22.33 17.14 7.49
CA GLU A 24 23.06 17.60 6.32
C GLU A 24 22.20 17.37 5.09
N LYS A 25 22.58 18.02 3.99
CA LYS A 25 21.90 17.80 2.73
C LYS A 25 22.15 16.38 2.25
N CYS A 26 21.18 15.82 1.53
CA CYS A 26 21.25 14.46 1.04
C CYS A 26 21.76 14.49 -0.40
N ASP A 27 22.90 13.85 -0.64
CA ASP A 27 23.49 13.72 -1.97
C ASP A 27 23.75 12.25 -2.23
N LEU A 28 22.98 11.65 -3.12
CA LEU A 28 23.03 10.22 -3.37
C LEU A 28 23.83 9.93 -4.63
N GLN A 29 24.74 8.97 -4.54
CA GLN A 29 25.53 8.57 -5.70
C GLN A 29 24.62 8.06 -6.82
N ASN A 30 23.62 7.25 -6.47
CA ASN A 30 22.70 6.68 -7.44
C ASN A 30 21.64 7.68 -7.90
N TYR A 31 21.75 8.95 -7.52
CA TYR A 31 20.74 9.91 -7.92
C TYR A 31 20.72 10.06 -9.44
N GLY A 32 19.50 10.14 -10.00
CA GLY A 32 19.31 10.21 -11.42
C GLY A 32 19.17 8.87 -12.11
N ASP A 33 19.57 7.78 -11.45
CA ASP A 33 19.41 6.46 -12.00
C ASP A 33 17.96 6.00 -11.86
N SER A 34 17.58 5.05 -12.70
CA SER A 34 16.24 4.50 -12.70
C SER A 34 16.30 2.98 -12.77
N ALA A 35 15.45 2.33 -11.98
CA ALA A 35 15.33 0.88 -12.03
C ALA A 35 14.50 0.48 -13.25
N THR A 36 15.02 -0.44 -14.05
CA THR A 36 14.29 -0.95 -15.20
C THR A 36 13.14 -1.81 -14.69
N LEU A 37 11.95 -1.23 -14.62
CA LEU A 37 10.80 -1.96 -14.11
C LEU A 37 10.32 -2.98 -15.13
N PRO A 38 9.66 -4.04 -14.67
CA PRO A 38 9.09 -5.02 -15.63
C PRO A 38 8.18 -4.33 -16.63
N LYS A 39 8.02 -4.96 -17.79
CA LYS A 39 7.25 -4.38 -18.88
C LYS A 39 5.86 -3.97 -18.42
N GLY A 40 5.58 -2.67 -18.41
CA GLY A 40 4.24 -2.17 -18.15
C GLY A 40 3.82 -2.11 -16.71
N ILE A 41 4.75 -2.19 -15.76
CA ILE A 41 4.44 -2.18 -14.33
C ILE A 41 4.68 -0.77 -13.79
N MET A 42 3.66 -0.22 -13.14
CA MET A 42 3.76 1.11 -12.56
C MET A 42 4.76 1.13 -11.42
N MET A 43 5.38 2.30 -11.20
CA MET A 43 6.35 2.43 -10.13
C MET A 43 5.73 2.19 -8.76
N ASN A 44 4.51 2.71 -8.55
CA ASN A 44 3.85 2.51 -7.28
C ASN A 44 3.54 1.03 -7.04
N VAL A 45 3.18 0.30 -8.10
CA VAL A 45 2.95 -1.13 -7.97
C VAL A 45 4.22 -1.82 -7.48
N ALA A 46 5.34 -1.53 -8.14
CA ALA A 46 6.61 -2.14 -7.74
C ALA A 46 7.01 -1.71 -6.34
N LYS A 47 6.85 -0.43 -6.05
CA LYS A 47 7.24 0.09 -4.74
C LYS A 47 6.43 -0.57 -3.63
N TYR A 48 5.11 -0.59 -3.77
CA TYR A 48 4.26 -1.17 -2.73
C TYR A 48 4.48 -2.68 -2.62
N THR A 49 4.72 -3.34 -3.75
CA THR A 49 4.99 -4.78 -3.70
C THR A 49 6.21 -5.07 -2.85
N GLN A 50 7.29 -4.33 -3.07
CA GLN A 50 8.52 -4.55 -2.30
C GLN A 50 8.30 -4.24 -0.84
N LEU A 51 7.54 -3.20 -0.53
CA LEU A 51 7.25 -2.86 0.86
C LEU A 51 6.54 -4.02 1.55
N CYS A 52 5.50 -4.55 0.90
CA CYS A 52 4.77 -5.67 1.48
C CYS A 52 5.66 -6.89 1.65
N GLN A 53 6.53 -7.13 0.67
CA GLN A 53 7.48 -8.23 0.79
C GLN A 53 8.31 -8.09 2.06
N TYR A 54 8.84 -6.90 2.32
CA TYR A 54 9.63 -6.71 3.53
C TYR A 54 8.77 -6.87 4.79
N LEU A 55 7.54 -6.36 4.76
CA LEU A 55 6.67 -6.48 5.92
C LEU A 55 6.38 -7.93 6.27
N ASN A 56 6.44 -8.83 5.27
CA ASN A 56 6.20 -10.24 5.54
C ASN A 56 7.27 -10.85 6.44
N THR A 57 8.43 -10.23 6.55
CA THR A 57 9.50 -10.71 7.42
C THR A 57 9.37 -10.20 8.84
N LEU A 58 8.39 -9.35 9.13
CA LEU A 58 8.21 -8.77 10.45
C LEU A 58 7.09 -9.48 11.20
N THR A 59 7.01 -9.18 12.50
CA THR A 59 6.05 -9.82 13.39
C THR A 59 4.71 -9.08 13.40
N LEU A 60 4.12 -8.89 12.22
CA LEU A 60 2.84 -8.21 12.13
C LEU A 60 1.73 -9.07 12.71
N ALA A 61 0.82 -8.43 13.43
CA ALA A 61 -0.39 -9.11 13.89
C ALA A 61 -1.41 -9.14 12.77
N VAL A 62 -1.98 -10.31 12.51
CA VAL A 62 -2.92 -10.49 11.40
C VAL A 62 -4.20 -11.12 11.95
N PRO A 63 -5.05 -10.34 12.61
CA PRO A 63 -6.29 -10.90 13.16
C PRO A 63 -7.32 -11.16 12.07
N TYR A 64 -8.33 -11.94 12.42
CA TYR A 64 -9.48 -12.08 11.55
C TYR A 64 -10.20 -10.74 11.43
N ASN A 65 -10.77 -10.49 10.26
CA ASN A 65 -11.45 -9.22 9.99
C ASN A 65 -10.52 -8.05 10.29
N MET A 66 -9.33 -8.12 9.72
CA MET A 66 -8.30 -7.09 9.94
C MET A 66 -8.77 -5.76 9.38
N ARG A 67 -8.35 -4.68 10.04
CA ARG A 67 -8.75 -3.32 9.68
C ARG A 67 -7.50 -2.56 9.21
N VAL A 68 -7.49 -2.19 7.94
CA VAL A 68 -6.35 -1.52 7.31
C VAL A 68 -6.81 -0.22 6.69
N ILE A 69 -6.05 0.85 6.91
CA ILE A 69 -6.36 2.17 6.37
C ILE A 69 -5.13 2.68 5.62
N HIS A 70 -5.37 3.31 4.46
CA HIS A 70 -4.31 3.70 3.54
C HIS A 70 -4.51 5.16 3.15
N PHE A 71 -3.58 6.02 3.55
CA PHE A 71 -3.64 7.45 3.26
C PHE A 71 -2.76 7.80 2.07
N GLY A 72 -3.18 8.82 1.31
CA GLY A 72 -2.46 9.23 0.13
C GLY A 72 -2.40 8.13 -0.91
N ALA A 73 -3.55 7.51 -1.17
CA ALA A 73 -3.63 6.32 -2.02
C ALA A 73 -3.97 6.63 -3.47
N GLY A 74 -4.08 7.91 -3.84
CA GLY A 74 -4.45 8.30 -5.19
C GLY A 74 -3.26 8.93 -5.91
N SER A 75 -2.99 8.42 -7.11
CA SER A 75 -1.96 8.98 -7.97
C SER A 75 -2.57 9.97 -8.95
N ASP A 76 -1.69 10.67 -9.69
CA ASP A 76 -2.16 11.65 -10.65
C ASP A 76 -2.98 11.03 -11.77
N LYS A 77 -2.78 9.73 -12.04
CA LYS A 77 -3.52 9.08 -13.12
C LYS A 77 -4.97 8.83 -12.76
N GLY A 78 -5.39 9.11 -11.53
CA GLY A 78 -6.75 8.87 -11.10
C GLY A 78 -7.01 7.47 -10.59
N VAL A 79 -5.98 6.64 -10.46
CA VAL A 79 -6.12 5.28 -9.97
C VAL A 79 -5.29 5.13 -8.69
N ALA A 80 -5.41 3.97 -8.05
CA ALA A 80 -4.83 3.73 -6.72
C ALA A 80 -3.94 2.50 -6.78
N PRO A 81 -2.73 2.63 -7.34
CA PRO A 81 -1.85 1.46 -7.44
C PRO A 81 -1.52 0.83 -6.10
N GLY A 82 -1.30 1.64 -5.07
CA GLY A 82 -0.94 1.09 -3.77
C GLY A 82 -2.07 0.27 -3.17
N THR A 83 -3.31 0.74 -3.33
CA THR A 83 -4.46 -0.02 -2.84
C THR A 83 -4.54 -1.38 -3.52
N ALA A 84 -4.21 -1.43 -4.81
CA ALA A 84 -4.27 -2.70 -5.54
C ALA A 84 -3.32 -3.73 -4.94
N VAL A 85 -2.08 -3.31 -4.63
CA VAL A 85 -1.14 -4.24 -4.02
C VAL A 85 -1.61 -4.65 -2.63
N LEU A 86 -2.12 -3.70 -1.85
CA LEU A 86 -2.57 -4.02 -0.49
C LEU A 86 -3.68 -5.06 -0.52
N ARG A 87 -4.67 -4.88 -1.39
CA ARG A 87 -5.75 -5.86 -1.48
C ARG A 87 -5.22 -7.23 -1.92
N GLN A 88 -4.27 -7.23 -2.85
CA GLN A 88 -3.63 -8.48 -3.26
C GLN A 88 -2.86 -9.11 -2.09
N TRP A 89 -2.30 -8.29 -1.22
CA TRP A 89 -1.42 -8.77 -0.16
C TRP A 89 -2.16 -9.22 1.09
N LEU A 90 -3.30 -8.59 1.40
CA LEU A 90 -3.98 -8.86 2.65
C LEU A 90 -4.89 -10.08 2.54
N PRO A 91 -5.16 -10.76 3.65
CA PRO A 91 -6.07 -11.91 3.62
C PRO A 91 -7.46 -11.51 3.16
N THR A 92 -8.12 -12.44 2.48
CA THR A 92 -9.51 -12.21 2.08
C THR A 92 -10.36 -11.99 3.32
N GLY A 93 -11.20 -10.95 3.27
CA GLY A 93 -12.03 -10.58 4.40
C GLY A 93 -11.49 -9.45 5.24
N THR A 94 -10.33 -8.90 4.91
CA THR A 94 -9.78 -7.76 5.63
C THR A 94 -10.39 -6.46 5.10
N LEU A 95 -10.78 -5.59 6.03
CA LEU A 95 -11.36 -4.30 5.66
C LEU A 95 -10.24 -3.36 5.21
N LEU A 96 -10.33 -2.90 3.97
CA LEU A 96 -9.36 -1.96 3.41
C LEU A 96 -10.08 -0.67 3.07
N VAL A 97 -9.63 0.43 3.67
CA VAL A 97 -10.15 1.77 3.39
C VAL A 97 -8.98 2.65 3.00
N ASP A 98 -9.12 3.39 1.91
CA ASP A 98 -8.09 4.29 1.45
C ASP A 98 -8.63 5.70 1.34
N SER A 99 -7.72 6.67 1.26
CA SER A 99 -8.09 8.07 1.25
C SER A 99 -7.06 8.86 0.46
N ASP A 100 -7.46 10.07 0.05
CA ASP A 100 -6.58 11.00 -0.64
C ASP A 100 -7.29 12.35 -0.72
N LEU A 101 -6.51 13.39 -1.03
CA LEU A 101 -7.07 14.73 -1.11
C LEU A 101 -7.94 14.89 -2.35
N ASN A 102 -7.51 14.32 -3.48
CA ASN A 102 -8.23 14.44 -4.74
C ASN A 102 -8.90 13.12 -5.08
N ASP A 103 -10.01 13.21 -5.82
CA ASP A 103 -10.80 12.04 -6.14
C ASP A 103 -10.00 11.05 -6.99
N PHE A 104 -10.32 9.77 -6.83
CA PHE A 104 -9.66 8.71 -7.58
C PHE A 104 -10.51 7.46 -7.48
N VAL A 105 -10.22 6.50 -8.36
CA VAL A 105 -10.90 5.20 -8.39
C VAL A 105 -10.05 4.20 -7.63
N SER A 106 -10.70 3.37 -6.82
CA SER A 106 -10.00 2.45 -5.94
C SER A 106 -10.68 1.09 -5.91
N ASP A 107 -9.89 0.06 -5.61
CA ASP A 107 -10.40 -1.27 -5.35
C ASP A 107 -10.69 -1.49 -3.87
N ALA A 108 -10.48 -0.47 -3.03
CA ALA A 108 -10.71 -0.62 -1.61
C ALA A 108 -12.20 -0.71 -1.29
N ASP A 109 -12.51 -1.21 -0.09
CA ASP A 109 -13.90 -1.35 0.31
C ASP A 109 -14.60 0.00 0.38
N SER A 110 -13.93 1.00 0.92
CA SER A 110 -14.48 2.35 1.04
C SER A 110 -13.38 3.36 0.74
N THR A 111 -13.73 4.44 0.06
CA THR A 111 -12.79 5.47 -0.33
C THR A 111 -13.25 6.82 0.21
N LEU A 112 -12.37 7.52 0.91
CA LEU A 112 -12.66 8.81 1.50
C LEU A 112 -11.81 9.88 0.82
N ILE A 113 -12.47 10.93 0.33
CA ILE A 113 -11.82 11.99 -0.42
C ILE A 113 -11.82 13.26 0.41
N GLY A 114 -10.69 13.95 0.44
CA GLY A 114 -10.53 15.16 1.20
C GLY A 114 -9.24 15.14 2.01
N ASP A 115 -8.96 16.29 2.61
CA ASP A 115 -7.79 16.40 3.49
C ASP A 115 -7.89 15.35 4.58
N CYS A 116 -6.76 14.71 4.89
CA CYS A 116 -6.77 13.62 5.85
C CYS A 116 -7.29 14.05 7.21
N ALA A 117 -7.23 15.35 7.52
CA ALA A 117 -7.74 15.84 8.80
C ALA A 117 -9.25 15.75 8.90
N THR A 118 -9.95 15.61 7.78
CA THR A 118 -11.40 15.48 7.78
C THR A 118 -11.86 14.05 8.01
N VAL A 119 -10.94 13.09 8.09
CA VAL A 119 -11.29 11.69 8.30
C VAL A 119 -11.50 11.45 9.79
N HIS A 120 -12.68 10.96 10.16
CA HIS A 120 -13.02 10.67 11.54
C HIS A 120 -13.49 9.23 11.64
N THR A 121 -13.09 8.55 12.71
CA THR A 121 -13.43 7.15 12.90
C THR A 121 -13.59 6.86 14.39
N ALA A 122 -14.68 6.22 14.76
CA ALA A 122 -14.87 5.74 16.13
C ALA A 122 -14.41 4.29 16.26
N ASN A 123 -13.20 4.01 15.78
CA ASN A 123 -12.69 2.65 15.74
C ASN A 123 -11.17 2.70 15.74
N LYS A 124 -10.56 1.70 16.36
CA LYS A 124 -9.13 1.50 16.28
C LYS A 124 -8.79 0.58 15.10
N TRP A 125 -7.58 0.70 14.61
CA TRP A 125 -7.16 0.04 13.38
C TRP A 125 -5.91 -0.78 13.61
N ASP A 126 -5.74 -1.79 12.77
CA ASP A 126 -4.66 -2.76 12.93
C ASP A 126 -3.42 -2.41 12.12
N LEU A 127 -3.59 -1.69 11.01
CA LEU A 127 -2.47 -1.35 10.14
C LEU A 127 -2.73 0.01 9.50
N ILE A 128 -1.71 0.86 9.50
CA ILE A 128 -1.80 2.20 8.95
C ILE A 128 -0.69 2.37 7.91
N ILE A 129 -1.08 2.67 6.68
CA ILE A 129 -0.15 2.90 5.57
C ILE A 129 -0.34 4.33 5.09
N SER A 130 0.76 5.04 4.87
CA SER A 130 0.70 6.41 4.38
C SER A 130 1.68 6.61 3.24
N ASP A 131 1.18 7.17 2.14
CA ASP A 131 2.02 7.64 1.04
C ASP A 131 1.90 9.16 0.88
N MET A 132 1.29 9.85 1.83
CA MET A 132 1.05 11.27 1.69
C MET A 132 2.37 12.02 1.53
N TYR A 133 2.40 12.93 0.55
CA TYR A 133 3.61 13.64 0.18
C TYR A 133 3.23 14.78 -0.76
N ASP A 134 3.67 15.99 -0.46
CA ASP A 134 3.46 17.11 -1.36
C ASP A 134 4.78 17.46 -2.01
N PRO A 135 4.88 17.44 -3.34
CA PRO A 135 6.16 17.77 -3.99
C PRO A 135 6.70 19.14 -3.64
N LYS A 136 5.88 20.01 -3.03
CA LYS A 136 6.29 21.37 -2.68
C LYS A 136 6.41 21.56 -1.16
N THR A 137 6.69 20.48 -0.43
CA THR A 137 6.88 20.58 1.01
C THR A 137 8.31 21.00 1.39
N LYS A 138 9.18 21.19 0.40
CA LYS A 138 10.58 21.55 0.67
C LYS A 138 10.75 23.06 0.73
N ASN A 139 9.95 23.69 1.60
CA ASN A 139 10.01 25.14 1.80
C ASN A 139 9.86 25.43 3.30
N LYS A 142 14.29 27.57 3.63
CA LYS A 142 15.35 26.84 2.94
C LYS A 142 16.13 25.92 3.90
N GLU A 143 15.66 25.78 5.13
CA GLU A 143 16.29 24.96 6.16
C GLU A 143 15.38 23.77 6.45
N ASN A 144 15.96 22.57 6.42
CA ASN A 144 15.16 21.35 6.57
C ASN A 144 14.83 21.19 8.05
N ASP A 145 13.65 21.69 8.43
CA ASP A 145 13.13 21.56 9.78
C ASP A 145 11.96 20.59 9.78
N SER A 146 11.59 20.16 10.98
CA SER A 146 10.49 19.20 11.12
C SER A 146 9.23 19.76 10.46
N LYS A 147 8.62 18.95 9.60
CA LYS A 147 7.42 19.35 8.90
C LYS A 147 6.17 18.93 9.68
N GLU A 148 5.04 19.49 9.26
CA GLU A 148 3.76 19.21 9.91
C GLU A 148 2.71 19.13 8.80
N GLY A 149 1.44 19.20 9.19
CA GLY A 149 0.35 19.08 8.23
C GLY A 149 -0.32 17.75 8.43
N PHE A 150 -0.22 16.87 7.42
CA PHE A 150 -0.75 15.53 7.58
C PHE A 150 0.02 14.73 8.62
N PHE A 151 1.27 15.11 8.90
CA PHE A 151 2.03 14.42 9.95
C PHE A 151 1.39 14.63 11.32
N THR A 152 0.92 15.85 11.59
CA THR A 152 0.22 16.11 12.84
C THR A 152 -0.98 15.17 12.99
N TYR A 153 -1.71 14.95 11.89
CA TYR A 153 -2.83 14.01 11.93
C TYR A 153 -2.33 12.58 12.13
N ILE A 154 -1.24 12.21 11.47
CA ILE A 154 -0.76 10.83 11.56
C ILE A 154 -0.36 10.49 12.99
N CYS A 155 0.38 11.40 13.64
CA CYS A 155 0.79 11.15 15.01
C CYS A 155 -0.42 11.04 15.93
N GLY A 156 -1.42 11.91 15.73
CA GLY A 156 -2.65 11.78 16.50
C GLY A 156 -3.39 10.50 16.18
N PHE A 157 -3.42 10.12 14.91
CA PHE A 157 -4.10 8.88 14.52
C PHE A 157 -3.40 7.67 15.13
N ILE A 158 -2.06 7.67 15.15
CA ILE A 158 -1.33 6.56 15.76
C ILE A 158 -1.65 6.46 17.24
N GLN A 159 -1.63 7.59 17.95
CA GLN A 159 -1.78 7.57 19.39
C GLN A 159 -3.22 7.32 19.83
N GLN A 160 -4.19 7.63 18.99
CA GLN A 160 -5.60 7.56 19.39
C GLN A 160 -6.40 6.48 18.67
N LYS A 161 -6.03 6.09 17.45
CA LYS A 161 -6.84 5.19 16.65
C LYS A 161 -6.08 3.96 16.16
N LEU A 162 -4.91 3.67 16.72
CA LEU A 162 -4.15 2.49 16.37
C LEU A 162 -4.27 1.48 17.50
N ALA A 163 -4.76 0.29 17.18
CA ALA A 163 -4.88 -0.76 18.19
C ALA A 163 -3.50 -1.15 18.70
N LEU A 164 -3.42 -1.41 20.01
CA LEU A 164 -2.18 -1.94 20.56
C LEU A 164 -1.85 -3.26 19.87
N GLY A 165 -0.58 -3.40 19.50
CA GLY A 165 -0.16 -4.51 18.68
C GLY A 165 -0.24 -4.26 17.19
N GLY A 166 -0.83 -3.13 16.77
CA GLY A 166 -0.87 -2.75 15.38
C GLY A 166 0.44 -2.15 14.90
N SER A 167 0.52 -1.92 13.60
CA SER A 167 1.75 -1.48 12.96
C SER A 167 1.46 -0.35 11.99
N VAL A 168 2.52 0.39 11.64
CA VAL A 168 2.42 1.53 10.75
C VAL A 168 3.56 1.46 9.73
N ALA A 169 3.35 2.15 8.60
CA ALA A 169 4.38 2.30 7.58
C ALA A 169 4.14 3.65 6.91
N ILE A 170 4.92 4.66 7.32
CA ILE A 170 4.70 6.04 6.92
C ILE A 170 5.83 6.48 6.01
N LYS A 171 5.49 7.03 4.86
CA LYS A 171 6.49 7.51 3.91
C LYS A 171 7.08 8.84 4.39
N ILE A 172 8.40 8.98 4.21
CA ILE A 172 9.10 10.22 4.46
C ILE A 172 10.09 10.44 3.31
N THR A 173 10.73 11.61 3.32
CA THR A 173 11.82 11.90 2.39
C THR A 173 12.84 12.74 3.14
N GLU A 174 13.80 13.29 2.38
CA GLU A 174 14.78 14.20 2.96
C GLU A 174 14.09 15.41 3.57
N HIS A 175 13.12 15.98 2.86
CA HIS A 175 12.46 17.21 3.30
C HIS A 175 11.06 16.98 3.86
N SER A 176 10.42 15.86 3.53
CA SER A 176 9.08 15.55 4.03
C SER A 176 9.23 14.59 5.19
N TRP A 177 9.42 15.13 6.39
CA TRP A 177 9.64 14.32 7.58
C TRP A 177 9.09 15.08 8.79
N ASN A 178 9.04 14.38 9.92
CA ASN A 178 8.50 14.95 11.15
C ASN A 178 9.26 14.39 12.35
N ALA A 179 9.58 15.27 13.29
CA ALA A 179 10.37 14.84 14.45
C ALA A 179 9.54 13.97 15.39
N ASP A 180 8.28 14.33 15.64
CA ASP A 180 7.47 13.57 16.59
C ASP A 180 7.21 12.16 16.08
N LEU A 181 7.04 12.01 14.76
CA LEU A 181 6.85 10.67 14.21
C LEU A 181 8.05 9.78 14.50
N TYR A 182 9.26 10.33 14.39
CA TYR A 182 10.45 9.57 14.78
C TYR A 182 10.39 9.21 16.26
N LYS A 183 9.98 10.15 17.11
CA LYS A 183 9.84 9.86 18.53
C LYS A 183 8.81 8.76 18.76
N LEU A 184 7.71 8.79 18.01
CA LEU A 184 6.64 7.82 18.17
C LEU A 184 7.07 6.42 17.76
N MET A 185 8.12 6.29 16.95
CA MET A 185 8.63 4.97 16.59
C MET A 185 9.18 4.23 17.81
N GLY A 186 9.53 4.95 18.88
CA GLY A 186 9.95 4.31 20.10
C GLY A 186 8.85 3.72 20.93
N HIS A 187 7.60 4.06 20.62
CA HIS A 187 6.44 3.47 21.29
C HIS A 187 6.11 2.08 20.74
N PHE A 188 6.83 1.63 19.73
CA PHE A 188 6.66 0.30 19.14
C PHE A 188 7.67 -0.67 19.71
N ALA A 189 7.38 -1.96 19.57
CA ALA A 189 8.32 -3.00 19.98
C ALA A 189 9.53 -3.07 19.06
N TRP A 190 9.42 -2.53 17.84
CA TRP A 190 10.48 -2.64 16.85
C TRP A 190 10.17 -1.65 15.73
N TRP A 191 11.20 -0.98 15.23
CA TRP A 191 11.01 0.03 14.20
C TRP A 191 12.26 0.12 13.33
N THR A 192 12.08 0.65 12.13
CA THR A 192 13.18 0.86 11.20
C THR A 192 12.73 1.83 10.12
N ALA A 193 13.69 2.18 9.26
CA ALA A 193 13.43 2.94 8.03
C ALA A 193 13.77 2.04 6.85
N PHE A 194 12.80 1.83 5.98
CA PHE A 194 12.93 0.88 4.87
C PHE A 194 13.00 1.63 3.55
N VAL A 195 14.00 1.28 2.74
CA VAL A 195 14.19 1.85 1.41
C VAL A 195 13.90 0.77 0.39
N THR A 196 13.03 1.06 -0.57
CA THR A 196 12.74 0.11 -1.63
C THR A 196 13.86 0.09 -2.65
N ASN A 197 14.24 -1.12 -3.08
CA ASN A 197 15.32 -1.25 -4.05
C ASN A 197 14.97 -0.58 -5.37
N VAL A 198 13.70 -0.63 -5.78
CA VAL A 198 13.29 0.02 -7.02
C VAL A 198 13.47 1.53 -6.91
N ASN A 199 13.23 2.10 -5.74
CA ASN A 199 13.35 3.54 -5.51
C ASN A 199 14.55 3.88 -4.64
N ALA A 200 15.59 3.06 -4.68
CA ALA A 200 16.78 3.31 -3.86
C ALA A 200 17.48 4.60 -4.28
N SER A 201 17.26 5.08 -5.50
CA SER A 201 17.91 6.29 -5.97
C SER A 201 17.35 7.54 -5.29
N SER A 202 16.19 7.43 -4.64
CA SER A 202 15.55 8.55 -3.99
C SER A 202 15.89 8.57 -2.50
N SER A 203 15.57 9.69 -1.85
CA SER A 203 15.66 9.79 -0.41
C SER A 203 14.43 9.21 0.28
N GLU A 204 13.48 8.69 -0.49
CA GLU A 204 12.28 8.13 0.08
C GLU A 204 12.61 6.97 1.00
N ALA A 205 11.83 6.84 2.06
CA ALA A 205 11.89 5.69 2.96
C ALA A 205 10.55 5.58 3.67
N PHE A 206 10.30 4.41 4.23
CA PHE A 206 9.08 4.14 4.98
C PHE A 206 9.44 3.91 6.44
N LEU A 207 8.95 4.79 7.32
CA LEU A 207 9.11 4.58 8.75
C LEU A 207 8.16 3.47 9.18
N ILE A 208 8.73 2.33 9.55
CA ILE A 208 7.96 1.13 9.88
C ILE A 208 8.00 0.95 11.39
N GLY A 209 6.84 1.03 12.02
CA GLY A 209 6.68 0.69 13.42
C GLY A 209 5.89 -0.60 13.56
N CYS A 210 6.42 -1.50 14.36
CA CYS A 210 5.84 -2.83 14.51
C CYS A 210 5.41 -3.05 15.95
N ASN A 211 4.17 -3.50 16.13
CA ASN A 211 3.61 -3.85 17.45
C ASN A 211 3.60 -2.64 18.38
N TYR A 212 2.74 -1.68 18.02
CA TYR A 212 2.50 -0.51 18.85
C TYR A 212 2.18 -0.91 20.28
N LEU A 213 2.88 -0.31 21.24
CA LEU A 213 2.74 -0.64 22.65
C LEU A 213 2.02 0.42 23.46
N GLY A 214 1.76 1.60 22.89
CA GLY A 214 1.05 2.64 23.59
C GLY A 214 1.88 3.45 24.57
N LYS A 215 3.13 3.06 24.81
CA LYS A 215 4.01 3.78 25.71
C LYS A 215 5.43 3.64 25.20
N PRO A 216 6.32 4.57 25.55
CA PRO A 216 7.69 4.53 25.02
C PRO A 216 8.53 3.48 25.72
N ARG A 217 9.11 2.57 24.93
CA ARG A 217 10.18 1.69 25.40
C ARG A 217 11.56 2.22 25.05
N GLU A 218 11.63 3.26 24.22
CA GLU A 218 12.90 3.81 23.77
C GLU A 218 12.69 5.30 23.54
N GLN A 219 13.51 6.13 24.18
CA GLN A 219 13.43 7.57 23.99
C GLN A 219 14.24 7.94 22.76
N ILE A 220 13.59 8.62 21.81
CA ILE A 220 14.20 8.95 20.52
C ILE A 220 14.07 10.45 20.29
N ASP A 221 15.18 11.10 19.97
CA ASP A 221 15.16 12.49 19.53
C ASP A 221 14.84 12.53 18.04
N GLY A 222 13.71 13.14 17.70
CA GLY A 222 13.26 13.12 16.31
C GLY A 222 14.26 13.78 15.38
N TYR A 223 14.75 14.96 15.76
CA TYR A 223 15.68 15.69 14.89
C TYR A 223 16.99 14.92 14.73
N VAL A 224 17.52 14.37 15.82
CA VAL A 224 18.75 13.61 15.74
C VAL A 224 18.56 12.38 14.86
N MET A 225 17.45 11.68 15.02
CA MET A 225 17.24 10.43 14.29
C MET A 225 17.16 10.68 12.80
N HIS A 226 16.47 11.74 12.37
CA HIS A 226 16.41 12.03 10.95
C HIS A 226 17.79 12.30 10.38
N ALA A 227 18.62 13.04 11.13
CA ALA A 227 19.99 13.26 10.70
C ALA A 227 20.75 11.94 10.59
N ASN A 228 20.51 11.02 11.53
CA ASN A 228 21.14 9.70 11.44
C ASN A 228 20.70 8.97 10.19
N TYR A 229 19.41 9.03 9.86
CA TYR A 229 18.94 8.40 8.63
C TYR A 229 19.57 9.03 7.40
N ILE A 230 19.65 10.36 7.39
CA ILE A 230 20.28 11.05 6.25
C ILE A 230 21.75 10.65 6.15
N PHE A 231 22.44 10.58 7.30
CA PHE A 231 23.83 10.15 7.29
C PHE A 231 23.97 8.75 6.73
N TRP A 232 23.08 7.84 7.12
CA TRP A 232 23.15 6.47 6.64
C TRP A 232 22.97 6.41 5.12
N ARG A 233 22.01 7.16 4.59
CA ARG A 233 21.78 7.12 3.15
C ARG A 233 22.96 7.70 2.38
N ASN A 234 23.55 8.79 2.88
CA ASN A 234 24.67 9.41 2.18
C ASN A 234 25.90 8.50 2.16
N THR A 235 26.09 7.69 3.20
CA THR A 235 27.29 6.87 3.32
C THR A 235 27.15 5.49 2.70
N ASN A 236 25.93 5.00 2.53
CA ASN A 236 25.69 3.64 2.04
C ASN A 236 24.87 3.69 0.76
N PRO A 237 25.52 3.73 -0.40
CA PRO A 237 24.77 3.68 -1.66
C PRO A 237 24.03 2.36 -1.79
N ILE A 238 22.87 2.43 -2.44
CA ILE A 238 22.00 1.26 -2.60
C ILE A 238 21.82 1.02 -4.09
N GLN A 239 22.17 -0.19 -4.55
CA GLN A 239 22.02 -0.54 -5.95
C GLN A 239 20.54 -0.70 -6.28
N LEU A 240 20.10 0.00 -7.32
CA LEU A 240 18.72 -0.16 -7.79
C LEU A 240 18.49 -1.60 -8.23
N SER A 241 17.32 -2.14 -7.88
CA SER A 241 17.01 -3.52 -8.24
C SER A 241 15.50 -3.71 -8.23
N SER A 242 15.01 -4.38 -9.27
CA SER A 242 13.64 -4.86 -9.34
C SER A 242 13.56 -6.38 -9.34
N TYR A 243 14.64 -7.04 -8.91
CA TYR A 243 14.69 -8.50 -8.95
C TYR A 243 13.65 -9.12 -8.03
N SER A 244 13.42 -8.52 -6.86
CA SER A 244 12.49 -9.11 -5.90
C SER A 244 11.08 -9.21 -6.46
N LEU A 245 10.76 -8.42 -7.49
CA LEU A 245 9.42 -8.45 -8.07
C LEU A 245 9.11 -9.75 -8.79
N PHE A 246 10.11 -10.59 -9.06
CA PHE A 246 9.90 -11.82 -9.82
C PHE A 246 9.66 -13.03 -8.94
N ASP A 247 9.58 -12.85 -7.63
CA ASP A 247 9.31 -13.95 -6.68
C ASP A 247 8.06 -13.57 -5.89
N MET A 248 6.90 -14.06 -6.35
CA MET A 248 5.61 -13.67 -5.79
C MET A 248 4.83 -14.86 -5.24
N SER A 249 5.42 -16.06 -5.21
CA SER A 249 4.68 -17.23 -4.76
C SER A 249 4.25 -17.09 -3.29
N LYS A 250 5.15 -16.58 -2.45
CA LYS A 250 4.87 -16.41 -1.02
C LYS A 250 4.51 -14.98 -0.67
N PHE A 251 3.90 -14.24 -1.60
CA PHE A 251 3.65 -12.82 -1.39
C PHE A 251 2.48 -12.56 -0.43
N PRO A 252 1.35 -13.24 -0.58
CA PRO A 252 0.19 -12.91 0.28
C PRO A 252 0.53 -13.06 1.76
N LEU A 253 -0.08 -12.18 2.56
CA LEU A 253 0.21 -12.12 3.98
C LEU A 253 -0.38 -13.33 4.69
N LYS A 254 0.47 -14.10 5.36
CA LYS A 254 0.00 -15.27 6.09
C LYS A 254 -0.96 -14.84 7.20
N LEU A 255 -2.18 -15.36 7.16
CA LEU A 255 -3.19 -15.04 8.16
C LEU A 255 -2.96 -15.88 9.41
N ARG A 256 -2.54 -15.22 10.48
CA ARG A 256 -2.21 -15.89 11.74
C ARG A 256 -3.39 -15.97 12.69
N GLY A 257 -4.53 -15.39 12.35
CA GLY A 257 -5.69 -15.42 13.23
C GLY A 257 -5.43 -14.80 14.58
N THR A 258 -4.74 -13.66 14.61
CA THR A 258 -4.33 -13.07 15.87
C THR A 258 -5.53 -12.72 16.74
N ALA A 259 -5.38 -12.94 18.04
CA ALA A 259 -6.48 -12.68 18.97
C ALA A 259 -6.78 -11.19 19.07
N VAL A 260 -8.05 -10.86 19.16
CA VAL A 260 -8.51 -9.49 19.40
C VAL A 260 -9.22 -9.48 20.74
N MET A 261 -8.73 -8.67 21.67
CA MET A 261 -9.26 -8.59 23.02
C MET A 261 -9.44 -7.12 23.38
N SER A 262 -10.64 -6.74 23.81
CA SER A 262 -10.85 -5.44 24.41
C SER A 262 -10.37 -5.51 25.86
N LEU A 263 -9.44 -4.65 26.24
CA LEU A 263 -8.85 -4.68 27.57
C LEU A 263 -8.71 -3.26 28.11
N LYS A 264 -9.02 -3.10 29.39
CA LYS A 264 -8.78 -1.84 30.06
C LYS A 264 -7.28 -1.59 30.16
N GLU A 265 -6.90 -0.30 30.17
CA GLU A 265 -5.49 0.03 30.25
C GLU A 265 -4.86 -0.47 31.53
N GLY A 266 -5.65 -0.62 32.59
CA GLY A 266 -5.12 -1.14 33.84
C GLY A 266 -4.83 -2.63 33.79
N GLN A 267 -5.51 -3.36 32.92
CA GLN A 267 -5.31 -4.80 32.79
C GLN A 267 -3.99 -5.15 32.10
N ILE A 268 -3.29 -4.17 31.54
CA ILE A 268 -2.11 -4.41 30.72
C ILE A 268 -0.89 -4.54 31.63
N ASN A 269 -0.14 -5.63 31.43
CA ASN A 269 1.01 -5.95 32.27
C ASN A 269 2.15 -6.43 31.37
N ASP A 270 3.25 -6.84 32.00
CA ASP A 270 4.43 -7.25 31.24
C ASP A 270 4.14 -8.45 30.36
N MET A 271 3.33 -9.39 30.85
CA MET A 271 2.99 -10.56 30.05
C MET A 271 2.24 -10.16 28.79
N ILE A 272 1.30 -9.22 28.90
CA ILE A 272 0.57 -8.76 27.73
C ILE A 272 1.51 -8.06 26.75
N LEU A 273 2.41 -7.22 27.27
CA LEU A 273 3.32 -6.49 26.40
C LEU A 273 4.19 -7.45 25.59
N SER A 274 4.67 -8.51 26.23
CA SER A 274 5.47 -9.50 25.50
C SER A 274 4.66 -10.12 24.37
N LEU A 275 3.36 -10.33 24.59
CA LEU A 275 2.50 -10.84 23.53
C LEU A 275 2.38 -9.83 22.39
N LEU A 276 2.17 -8.56 22.72
CA LEU A 276 2.09 -7.53 21.68
C LEU A 276 3.38 -7.48 20.88
N SER A 277 4.52 -7.52 21.57
CA SER A 277 5.81 -7.42 20.89
C SER A 277 6.05 -8.56 19.92
N LYS A 278 5.36 -9.69 20.10
CA LYS A 278 5.53 -10.85 19.23
C LYS A 278 4.42 -10.97 18.20
N GLY A 279 3.61 -9.92 18.02
CA GLY A 279 2.54 -9.98 17.05
C GLY A 279 1.46 -10.98 17.35
N ARG A 280 1.32 -11.38 18.61
CA ARG A 280 0.38 -12.42 19.00
C ARG A 280 -0.91 -11.87 19.62
N LEU A 281 -1.05 -10.56 19.71
CA LEU A 281 -2.23 -9.99 20.38
C LEU A 281 -2.55 -8.62 19.81
N ILE A 282 -3.85 -8.35 19.66
CA ILE A 282 -4.37 -7.05 19.28
C ILE A 282 -5.40 -6.62 20.31
N ILE A 283 -5.27 -5.41 20.83
CA ILE A 283 -6.17 -4.90 21.85
C ILE A 283 -6.99 -3.76 21.24
N ARG A 284 -8.28 -4.01 21.05
CA ARG A 284 -9.21 -2.99 20.56
C ARG A 284 -10.61 -3.57 20.66
N GLU A 285 -11.60 -2.74 20.33
CA GLU A 285 -12.97 -3.21 20.25
C GLU A 285 -13.20 -3.93 18.92
N ASN A 286 -14.15 -4.86 18.92
CA ASN A 286 -14.53 -5.61 17.74
C ASN A 286 -15.85 -5.13 17.15
N ASN A 287 -16.24 -3.90 17.46
CA ASN A 287 -17.53 -3.38 17.03
C ASN A 287 -17.53 -3.11 15.52
N ARG A 288 -18.67 -2.65 15.03
CA ARG A 288 -18.79 -2.29 13.62
C ARG A 288 -17.92 -1.07 13.32
N VAL A 289 -17.33 -1.06 12.15
CA VAL A 289 -16.44 0.02 11.73
C VAL A 289 -17.27 1.14 11.13
N VAL A 290 -17.09 2.35 11.66
CA VAL A 290 -17.74 3.56 11.15
C VAL A 290 -16.67 4.60 10.88
N ILE A 291 -16.69 5.17 9.68
CA ILE A 291 -15.69 6.15 9.27
C ILE A 291 -16.35 7.16 8.35
N SER A 292 -16.04 8.44 8.56
CA SER A 292 -16.68 9.53 7.84
C SER A 292 -15.61 10.46 7.28
N SER A 293 -16.05 11.28 6.32
CA SER A 293 -15.21 12.31 5.72
C SER A 293 -16.03 13.60 5.68
N ASP A 294 -15.76 14.52 6.59
CA ASP A 294 -16.55 15.73 6.72
C ASP A 294 -16.53 16.52 5.41
N VAL A 295 -17.63 17.23 5.16
CA VAL A 295 -17.78 18.02 3.95
C VAL A 295 -18.29 19.42 4.30
N ASP B 14 -25.42 5.97 -23.98
CA ASP B 14 -24.75 4.70 -23.77
C ASP B 14 -23.24 4.85 -23.87
N ALA B 15 -22.55 4.62 -22.75
CA ALA B 15 -21.09 4.69 -22.73
C ALA B 15 -20.46 3.47 -23.37
N ALA B 16 -21.07 2.30 -23.21
CA ALA B 16 -20.50 1.08 -23.79
C ALA B 16 -20.42 1.20 -25.31
N LYS B 17 -21.53 1.55 -25.95
CA LYS B 17 -21.51 1.74 -27.40
C LYS B 17 -20.64 2.93 -27.78
N ALA B 18 -20.57 3.95 -26.92
CA ALA B 18 -19.73 5.11 -27.22
C ALA B 18 -18.26 4.73 -27.30
N TYR B 19 -17.79 3.92 -26.35
CA TYR B 19 -16.37 3.56 -26.33
C TYR B 19 -16.02 2.64 -27.49
N LYS B 20 -16.90 1.71 -27.83
CA LYS B 20 -16.64 0.84 -28.97
C LYS B 20 -16.47 1.65 -30.26
N ASP B 21 -17.25 2.73 -30.40
CA ASP B 21 -17.13 3.57 -31.59
C ASP B 21 -15.87 4.42 -31.55
N TYR B 22 -15.50 4.92 -30.37
CA TYR B 22 -14.30 5.74 -30.27
C TYR B 22 -13.05 4.95 -30.64
N LEU B 23 -13.00 3.67 -30.25
CA LEU B 23 -11.89 2.81 -30.65
C LEU B 23 -11.88 2.62 -32.16
N ALA B 24 -13.05 2.34 -32.75
CA ALA B 24 -13.11 2.09 -34.18
C ALA B 24 -12.70 3.31 -34.98
N SER B 25 -12.84 4.50 -34.42
CA SER B 25 -12.42 5.73 -35.07
C SER B 25 -10.91 5.93 -35.04
N GLY B 26 -10.17 5.03 -34.40
CA GLY B 26 -8.73 5.13 -34.30
C GLY B 26 -8.23 5.75 -33.02
N GLY B 27 -9.12 6.09 -32.09
CA GLY B 27 -8.69 6.74 -30.87
C GLY B 27 -7.93 5.81 -29.95
N GLN B 28 -7.05 6.40 -29.15
CA GLN B 28 -6.19 5.62 -28.27
C GLN B 28 -7.02 4.95 -27.17
N PRO B 29 -6.71 3.72 -26.80
CA PRO B 29 -7.44 3.06 -25.70
C PRO B 29 -7.10 3.69 -24.36
N ILE B 30 -7.99 3.46 -23.40
CA ILE B 30 -7.78 3.94 -22.04
C ILE B 30 -6.51 3.33 -21.48
N THR B 31 -5.68 4.16 -20.84
CA THR B 31 -4.40 3.75 -20.29
C THR B 31 -4.45 3.79 -18.76
N ASN B 32 -3.30 3.56 -18.15
CA ASN B 32 -3.15 3.58 -16.69
C ASN B 32 -4.04 2.53 -16.03
N CYS B 33 -4.16 1.37 -16.67
CA CYS B 33 -4.76 0.21 -16.02
C CYS B 33 -3.71 -0.48 -15.17
N VAL B 34 -4.01 -0.68 -13.88
CA VAL B 34 -3.01 -1.13 -12.92
C VAL B 34 -2.74 -2.61 -13.15
N LYS B 35 -1.55 -2.93 -13.67
CA LYS B 35 -1.14 -4.31 -13.86
C LYS B 35 -0.42 -4.81 -12.61
N MET B 36 -0.84 -5.96 -12.10
CA MET B 36 -0.29 -6.53 -10.89
C MET B 36 0.90 -7.43 -11.21
N LEU B 37 1.71 -7.69 -10.20
CA LEU B 37 2.76 -8.68 -10.25
C LEU B 37 2.24 -9.98 -9.64
N CYS B 38 2.51 -11.09 -10.32
CA CYS B 38 2.03 -12.39 -9.85
C CYS B 38 2.94 -13.47 -10.45
N THR B 39 2.69 -14.71 -10.05
CA THR B 39 3.49 -15.83 -10.53
C THR B 39 3.09 -16.28 -11.93
N HIS B 40 1.95 -15.82 -12.44
CA HIS B 40 1.44 -16.27 -13.73
C HIS B 40 1.25 -17.78 -13.74
N THR B 41 0.82 -18.32 -12.60
CA THR B 41 0.50 -19.74 -12.48
C THR B 41 -0.89 -19.92 -11.87
N GLY B 42 -1.81 -19.00 -12.16
CA GLY B 42 -3.15 -19.06 -11.61
C GLY B 42 -4.07 -19.90 -12.46
N THR B 43 -5.35 -19.91 -12.05
CA THR B 43 -6.35 -20.72 -12.73
C THR B 43 -6.69 -20.19 -14.12
N GLY B 44 -6.44 -18.91 -14.38
CA GLY B 44 -6.78 -18.31 -15.65
C GLY B 44 -8.19 -17.79 -15.75
N GLN B 45 -9.00 -17.94 -14.71
CA GLN B 45 -10.39 -17.50 -14.76
C GLN B 45 -10.46 -15.98 -14.94
N ALA B 46 -11.61 -15.53 -15.44
CA ALA B 46 -11.74 -14.14 -15.90
C ALA B 46 -11.64 -13.16 -14.74
N ILE B 47 -12.42 -13.36 -13.69
CA ILE B 47 -12.51 -12.42 -12.58
C ILE B 47 -12.33 -13.18 -11.27
N THR B 48 -11.43 -12.70 -10.42
CA THR B 48 -11.05 -13.40 -9.20
C THR B 48 -10.66 -12.37 -8.14
N VAL B 49 -10.67 -12.83 -6.89
CA VAL B 49 -10.26 -11.97 -5.77
C VAL B 49 -8.76 -11.87 -5.64
N THR B 50 -8.01 -12.73 -6.32
CA THR B 50 -6.56 -12.71 -6.36
C THR B 50 -6.12 -12.76 -7.82
N PRO B 51 -4.98 -12.18 -8.16
CA PRO B 51 -4.44 -12.37 -9.52
C PRO B 51 -4.27 -13.84 -9.83
N GLU B 52 -5.00 -14.31 -10.84
CA GLU B 52 -4.95 -15.70 -11.27
C GLU B 52 -4.47 -15.84 -12.71
N ALA B 53 -3.73 -14.85 -13.22
CA ALA B 53 -3.23 -14.92 -14.58
C ALA B 53 -2.34 -16.14 -14.75
N ASN B 54 -2.45 -16.77 -15.91
CA ASN B 54 -1.55 -17.85 -16.29
C ASN B 54 -0.44 -17.28 -17.15
N MET B 55 0.40 -18.16 -17.71
CA MET B 55 1.54 -17.70 -18.48
C MET B 55 1.12 -16.90 -19.71
N ASP B 56 -0.13 -17.03 -20.14
CA ASP B 56 -0.64 -16.35 -21.32
C ASP B 56 -1.50 -15.14 -20.98
N GLN B 57 -1.60 -14.77 -19.71
CA GLN B 57 -2.53 -13.74 -19.27
C GLN B 57 -1.79 -12.68 -18.46
N GLU B 58 -2.47 -11.56 -18.25
CA GLU B 58 -2.02 -10.50 -17.37
C GLU B 58 -3.15 -10.16 -16.40
N SER B 59 -2.79 -9.87 -15.15
CA SER B 59 -3.77 -9.56 -14.12
C SER B 59 -3.78 -8.06 -13.86
N PHE B 60 -4.98 -7.49 -13.83
CA PHE B 60 -5.16 -6.05 -13.64
C PHE B 60 -6.11 -5.80 -12.49
N GLY B 61 -5.97 -4.62 -11.88
CA GLY B 61 -6.93 -4.21 -10.87
C GLY B 61 -8.31 -4.03 -11.48
N GLY B 62 -9.33 -4.46 -10.73
CA GLY B 62 -10.68 -4.41 -11.24
C GLY B 62 -11.19 -2.99 -11.45
N ALA B 63 -10.95 -2.11 -10.48
CA ALA B 63 -11.49 -0.76 -10.57
C ALA B 63 -10.91 -0.01 -11.76
N SER B 64 -9.63 -0.25 -12.07
CA SER B 64 -8.97 0.49 -13.14
C SER B 64 -9.39 0.03 -14.53
N CYS B 65 -10.04 -1.12 -14.64
CA CYS B 65 -10.43 -1.67 -15.94
C CYS B 65 -11.91 -1.52 -16.24
N CYS B 66 -12.65 -0.82 -15.39
CA CYS B 66 -14.09 -0.63 -15.57
C CYS B 66 -14.33 0.75 -16.17
N LEU B 67 -14.99 0.80 -17.33
CA LEU B 67 -15.27 2.08 -17.96
C LEU B 67 -16.14 2.95 -17.06
N TYR B 68 -17.15 2.35 -16.44
CA TYR B 68 -18.09 3.12 -15.62
C TYR B 68 -17.44 3.65 -14.35
N CYS B 69 -16.49 2.89 -13.78
CA CYS B 69 -15.73 3.41 -12.64
C CYS B 69 -14.77 4.51 -13.07
N ARG B 70 -14.05 4.31 -14.18
CA ARG B 70 -13.05 5.28 -14.61
C ARG B 70 -13.69 6.61 -15.00
N CYS B 71 -14.86 6.56 -15.63
CA CYS B 71 -15.54 7.76 -16.08
C CYS B 71 -16.42 8.38 -15.01
N HIS B 72 -16.44 7.83 -13.80
CA HIS B 72 -17.18 8.39 -12.69
C HIS B 72 -18.67 8.50 -13.01
N ILE B 73 -19.19 7.52 -13.73
CA ILE B 73 -20.60 7.48 -14.11
C ILE B 73 -21.25 6.27 -13.44
N ASP B 74 -22.57 6.19 -13.59
CA ASP B 74 -23.32 5.09 -13.01
C ASP B 74 -23.10 3.81 -13.80
N HIS B 75 -23.31 2.68 -13.13
CA HIS B 75 -23.05 1.37 -13.71
C HIS B 75 -24.31 0.79 -14.35
N PRO B 76 -24.15 -0.12 -15.33
CA PRO B 76 -25.30 -0.72 -16.02
C PRO B 76 -25.98 -1.84 -15.23
N ASN B 77 -26.31 -1.54 -13.97
CA ASN B 77 -26.97 -2.51 -13.10
C ASN B 77 -27.90 -1.75 -12.17
N PRO B 78 -28.85 -2.44 -11.53
CA PRO B 78 -29.83 -1.72 -10.71
C PRO B 78 -29.26 -1.17 -9.42
N LYS B 79 -28.42 -1.94 -8.71
CA LYS B 79 -28.01 -1.61 -7.36
C LYS B 79 -26.66 -0.91 -7.29
N GLY B 80 -26.14 -0.44 -8.42
CA GLY B 80 -24.83 0.20 -8.42
C GLY B 80 -23.72 -0.74 -8.01
N PHE B 81 -23.81 -2.01 -8.36
CA PHE B 81 -22.81 -3.01 -8.04
C PHE B 81 -21.88 -3.20 -9.21
N CYS B 82 -20.58 -3.02 -8.98
CA CYS B 82 -19.56 -3.30 -9.97
C CYS B 82 -18.94 -4.66 -9.67
N ASP B 83 -19.03 -5.58 -10.63
CA ASP B 83 -18.45 -6.91 -10.45
C ASP B 83 -16.94 -6.92 -10.63
N LEU B 84 -16.34 -5.84 -11.11
CA LEU B 84 -14.90 -5.73 -11.26
C LEU B 84 -14.24 -5.12 -10.02
N LYS B 85 -14.81 -4.03 -9.50
CA LYS B 85 -14.18 -3.31 -8.41
C LYS B 85 -13.92 -4.22 -7.22
N GLY B 86 -12.73 -4.10 -6.64
CA GLY B 86 -12.34 -4.91 -5.51
C GLY B 86 -11.84 -6.29 -5.87
N LYS B 87 -11.82 -6.64 -7.15
CA LYS B 87 -11.37 -7.94 -7.62
C LYS B 87 -10.37 -7.72 -8.75
N TYR B 88 -9.86 -8.81 -9.31
CA TYR B 88 -8.83 -8.76 -10.34
C TYR B 88 -9.34 -9.45 -11.59
N VAL B 89 -9.11 -8.80 -12.74
CA VAL B 89 -9.55 -9.29 -14.04
C VAL B 89 -8.32 -9.74 -14.81
N GLN B 90 -8.35 -10.96 -15.33
CA GLN B 90 -7.28 -11.49 -16.15
C GLN B 90 -7.56 -11.18 -17.61
N ILE B 91 -6.55 -10.68 -18.31
CA ILE B 91 -6.68 -10.24 -19.70
C ILE B 91 -5.66 -11.01 -20.51
N PRO B 92 -6.01 -11.55 -21.68
CA PRO B 92 -4.99 -12.15 -22.55
C PRO B 92 -3.92 -11.13 -22.91
N THR B 93 -2.67 -11.57 -22.93
CA THR B 93 -1.56 -10.66 -23.12
C THR B 93 -1.62 -9.97 -24.48
N THR B 94 -2.13 -10.66 -25.50
CA THR B 94 -2.29 -10.04 -26.81
C THR B 94 -3.25 -8.86 -26.76
N CYS B 95 -4.26 -8.93 -25.91
CA CYS B 95 -5.25 -7.86 -25.75
C CYS B 95 -4.94 -6.97 -24.55
N ALA B 96 -3.68 -6.93 -24.11
CA ALA B 96 -3.32 -6.20 -22.89
C ALA B 96 -3.15 -4.71 -23.12
N ASN B 97 -3.21 -4.23 -24.37
CA ASN B 97 -3.09 -2.80 -24.64
C ASN B 97 -4.42 -2.07 -24.50
N ASP B 98 -5.51 -2.78 -24.21
CA ASP B 98 -6.82 -2.14 -23.96
C ASP B 98 -7.64 -3.04 -23.05
N PRO B 99 -7.26 -3.12 -21.77
CA PRO B 99 -8.06 -3.95 -20.84
C PRO B 99 -9.50 -3.49 -20.71
N VAL B 100 -9.76 -2.19 -20.79
CA VAL B 100 -11.13 -1.70 -20.68
C VAL B 100 -11.97 -2.21 -21.85
N GLY B 101 -11.42 -2.13 -23.05
CA GLY B 101 -12.16 -2.60 -24.22
C GLY B 101 -12.44 -4.09 -24.18
N PHE B 102 -11.46 -4.89 -23.74
CA PHE B 102 -11.64 -6.33 -23.72
C PHE B 102 -12.78 -6.74 -22.79
N THR B 103 -12.84 -6.14 -21.60
CA THR B 103 -13.91 -6.47 -20.67
C THR B 103 -15.27 -6.05 -21.22
N LEU B 104 -15.32 -4.94 -21.96
CA LEU B 104 -16.58 -4.46 -22.49
C LEU B 104 -17.09 -5.37 -23.61
N LYS B 105 -16.19 -5.94 -24.41
CA LYS B 105 -16.54 -6.69 -25.60
C LYS B 105 -16.70 -8.19 -25.37
N ASN B 106 -16.48 -8.68 -24.16
CA ASN B 106 -16.44 -10.12 -23.93
C ASN B 106 -17.28 -10.49 -22.72
N THR B 107 -17.71 -11.75 -22.72
CA THR B 107 -18.55 -12.33 -21.66
C THR B 107 -17.79 -13.46 -20.99
N VAL B 108 -18.15 -13.74 -19.75
CA VAL B 108 -17.52 -14.76 -18.93
C VAL B 108 -18.45 -15.96 -18.85
N CYS B 109 -17.92 -17.14 -19.18
CA CYS B 109 -18.72 -18.35 -19.07
C CYS B 109 -19.19 -18.53 -17.62
N THR B 110 -20.49 -18.77 -17.47
CA THR B 110 -21.07 -18.82 -16.12
C THR B 110 -20.62 -20.07 -15.36
N VAL B 111 -20.35 -21.16 -16.06
CA VAL B 111 -20.11 -22.44 -15.39
C VAL B 111 -18.63 -22.67 -15.11
N CYS B 112 -17.76 -22.46 -16.10
CA CYS B 112 -16.34 -22.75 -15.90
C CYS B 112 -15.56 -21.56 -15.37
N GLY B 113 -16.12 -20.35 -15.44
CA GLY B 113 -15.46 -19.17 -14.92
C GLY B 113 -14.48 -18.52 -15.86
N MET B 114 -14.21 -19.13 -17.01
CA MET B 114 -13.28 -18.58 -17.99
C MET B 114 -14.00 -17.63 -18.92
N TRP B 115 -13.22 -16.89 -19.70
CA TRP B 115 -13.79 -16.07 -20.77
C TRP B 115 -14.37 -16.96 -21.86
N LYS B 116 -15.54 -16.59 -22.36
CA LYS B 116 -16.10 -17.27 -23.53
C LYS B 116 -15.24 -16.94 -24.75
N GLY B 117 -14.64 -17.97 -25.35
CA GLY B 117 -13.74 -17.79 -26.48
C GLY B 117 -12.28 -17.65 -26.09
N TYR B 118 -11.97 -17.44 -24.82
CA TYR B 118 -10.60 -17.38 -24.31
C TYR B 118 -10.51 -18.31 -23.10
N GLY B 119 -10.27 -19.59 -23.36
CA GLY B 119 -10.10 -20.56 -22.29
C GLY B 119 -11.35 -21.28 -21.87
N CYS B 120 -12.44 -21.18 -22.61
CA CYS B 120 -13.69 -21.87 -22.30
C CYS B 120 -13.81 -23.11 -23.17
N SER B 121 -13.89 -24.27 -22.53
CA SER B 121 -14.01 -25.55 -23.22
C SER B 121 -15.42 -26.13 -23.15
N CYS B 122 -16.38 -25.37 -22.64
CA CYS B 122 -17.73 -25.88 -22.45
C CYS B 122 -18.48 -25.94 -23.77
#